data_8TAB
#
_entry.id   8TAB
#
_cell.length_a   169.146
_cell.length_b   169.146
_cell.length_c   55.913
_cell.angle_alpha   90.00
_cell.angle_beta   90.00
_cell.angle_gamma   120.00
#
_symmetry.space_group_name_H-M   'P 63 2 2'
#
loop_
_entity.id
_entity.type
_entity.pdbx_description
1 polymer 'Ricin A chain'
2 non-polymer 'CHLORIDE ION'
3 non-polymer '4H,5H-naphtho[1,2-b]thiophene-2-carboxylic acid'
4 non-polymer 1,2-ETHANEDIOL
5 non-polymer 'NONAETHYLENE GLYCOL'
6 water water
#
_entity_poly.entity_id   1
_entity_poly.type   'polypeptide(L)'
_entity_poly.pdbx_seq_one_letter_code
;KQYPIINFTTAGATVQSYTNFIRAVRGRLTTGADVRHEIPVLPNRVGLPINQRFILVELSNHAELSVTLALDVTNAYVVG
YRAGNSAYFFHPDNQEDAEAITHLFTDVQNRYTFAFGGNYDRLEQLAGNLRENIELGNGPLEEAISALYYYSTGGTQLPT
LARSFIICIQMISEAARFQYIEGEMRTRIRYNRRSAPDPSVITLENSWGRLSTAIQESNQGAFASPIQLQRRNGSKFSVY
DVSILIPIIALMVYRCAP
;
_entity_poly.pdbx_strand_id   A
#
loop_
_chem_comp.id
_chem_comp.type
_chem_comp.name
_chem_comp.formula
2PE non-polymer 'NONAETHYLENE GLYCOL' 'C18 H38 O10'
CL non-polymer 'CHLORIDE ION' 'Cl -1'
EDO non-polymer 1,2-ETHANEDIOL 'C2 H6 O2'
U4T non-polymer '4H,5H-naphtho[1,2-b]thiophene-2-carboxylic acid' 'C13 H10 O2 S'
#
# COMPACT_ATOMS: atom_id res chain seq x y z
N LYS A 1 -13.37 4.80 -19.52
CA LYS A 1 -12.55 3.82 -20.22
C LYS A 1 -11.36 3.43 -19.36
N GLN A 2 -11.08 4.23 -18.34
CA GLN A 2 -9.87 4.10 -17.56
C GLN A 2 -10.16 4.40 -16.09
N TYR A 3 -9.44 3.70 -15.22
CA TYR A 3 -9.56 3.91 -13.79
C TYR A 3 -8.92 5.24 -13.42
N PRO A 4 -9.27 5.81 -12.26
CA PRO A 4 -8.68 7.10 -11.87
C PRO A 4 -7.19 7.00 -11.63
N ILE A 5 -6.48 8.10 -11.87
CA ILE A 5 -5.02 8.16 -11.76
C ILE A 5 -4.62 9.28 -10.81
N ILE A 6 -3.68 8.99 -9.91
CA ILE A 6 -2.98 9.99 -9.13
C ILE A 6 -1.51 9.96 -9.54
N ASN A 7 -0.89 11.14 -9.56
CA ASN A 7 0.50 11.29 -9.98
C ASN A 7 1.38 11.73 -8.81
N PHE A 8 2.61 11.24 -8.80
CA PHE A 8 3.62 11.70 -7.85
C PHE A 8 5.00 11.55 -8.47
N THR A 9 5.88 12.51 -8.18
CA THR A 9 7.26 12.43 -8.61
C THR A 9 8.18 12.66 -7.40
N THR A 10 9.28 11.92 -7.36
CA THR A 10 10.32 12.18 -6.36
C THR A 10 11.21 13.35 -6.73
N ALA A 11 11.17 13.81 -7.99
CA ALA A 11 12.00 14.93 -8.43
C ALA A 11 11.49 16.21 -7.78
N GLY A 12 12.32 16.80 -6.91
CA GLY A 12 11.91 17.99 -6.19
C GLY A 12 10.80 17.77 -5.19
N ALA A 13 10.60 16.54 -4.76
CA ALA A 13 9.52 16.24 -3.81
C ALA A 13 9.76 16.95 -2.49
N THR A 14 8.69 17.42 -1.87
CA THR A 14 8.77 18.09 -0.58
C THR A 14 7.79 17.45 0.39
N VAL A 15 7.80 17.96 1.62
CA VAL A 15 6.80 17.54 2.61
C VAL A 15 5.40 17.86 2.11
N GLN A 16 5.22 19.07 1.56
CA GLN A 16 3.92 19.46 1.03
C GLN A 16 3.47 18.57 -0.11
N SER A 17 4.36 18.30 -1.08
CA SER A 17 3.96 17.56 -2.27
C SER A 17 3.66 16.10 -1.94
N TYR A 18 4.36 15.52 -0.96
CA TYR A 18 4.03 14.16 -0.55
C TYR A 18 2.73 14.12 0.25
N THR A 19 2.44 15.18 1.02
CA THR A 19 1.17 15.23 1.75
C THR A 19 -0.01 15.30 0.79
N ASN A 20 0.09 16.16 -0.24
CA ASN A 20 -0.96 16.23 -1.26
C ASN A 20 -1.20 14.87 -1.91
N PHE A 21 -0.12 14.14 -2.20
CA PHE A 21 -0.22 12.88 -2.91
C PHE A 21 -1.01 11.84 -2.10
N ILE A 22 -0.65 11.67 -0.83
CA ILE A 22 -1.33 10.67 0.01
C ILE A 22 -2.79 11.05 0.22
N ARG A 23 -3.06 12.35 0.35
CA ARG A 23 -4.44 12.80 0.52
C ARG A 23 -5.28 12.45 -0.72
N ALA A 24 -4.71 12.60 -1.92
CA ALA A 24 -5.43 12.26 -3.13
C ALA A 24 -5.66 10.75 -3.23
N VAL A 25 -4.66 9.95 -2.85
CA VAL A 25 -4.83 8.50 -2.86
C VAL A 25 -5.97 8.08 -1.95
N ARG A 26 -5.98 8.61 -0.72
CA ARG A 26 -7.10 8.32 0.18
C ARG A 26 -8.42 8.79 -0.41
N GLY A 27 -8.43 9.92 -1.11
CA GLY A 27 -9.66 10.42 -1.70
C GLY A 27 -10.24 9.46 -2.73
N ARG A 28 -9.39 8.97 -3.65
CA ARG A 28 -9.86 8.02 -4.65
C ARG A 28 -10.27 6.69 -4.04
N LEU A 29 -9.56 6.25 -3.01
CA LEU A 29 -9.87 4.96 -2.39
C LEU A 29 -11.24 4.98 -1.70
N THR A 30 -11.64 6.12 -1.15
CA THR A 30 -12.84 6.20 -0.33
C THR A 30 -14.06 6.74 -1.06
N THR A 31 -14.00 6.86 -2.40
CA THR A 31 -15.16 7.31 -3.16
C THR A 31 -16.39 6.48 -2.84
N GLY A 32 -16.24 5.16 -2.83
CA GLY A 32 -17.31 4.26 -2.47
C GLY A 32 -17.28 3.75 -1.04
N ALA A 33 -16.46 4.34 -0.18
CA ALA A 33 -16.30 3.83 1.18
C ALA A 33 -17.48 4.20 2.06
N ASP A 34 -17.62 3.48 3.17
CA ASP A 34 -18.62 3.79 4.18
C ASP A 34 -17.96 4.69 5.22
N VAL A 35 -18.45 5.93 5.33
CA VAL A 35 -17.85 6.92 6.22
C VAL A 35 -18.84 7.35 7.30
N ARG A 36 -19.80 6.49 7.61
CA ARG A 36 -20.80 6.84 8.62
C ARG A 36 -20.28 6.65 10.05
N HIS A 37 -19.26 5.82 10.25
CA HIS A 37 -18.79 5.44 11.57
C HIS A 37 -17.45 6.11 11.88
N GLU A 38 -16.82 5.68 12.97
CA GLU A 38 -15.60 6.34 13.46
C GLU A 38 -14.47 6.29 12.44
N ILE A 39 -14.32 5.16 11.75
CA ILE A 39 -13.21 5.00 10.81
C ILE A 39 -13.78 4.56 9.46
N PRO A 40 -13.28 5.12 8.35
CA PRO A 40 -13.79 4.73 7.02
C PRO A 40 -13.56 3.26 6.72
N VAL A 41 -14.56 2.64 6.08
CA VAL A 41 -14.50 1.25 5.66
C VAL A 41 -14.48 1.22 4.13
N LEU A 42 -13.45 0.57 3.57
CA LEU A 42 -13.34 0.46 2.13
C LEU A 42 -14.51 -0.36 1.57
N PRO A 43 -14.82 -0.20 0.27
CA PRO A 43 -15.98 -0.90 -0.30
C PRO A 43 -15.88 -2.42 -0.12
N ASN A 44 -17.05 -3.04 0.00
CA ASN A 44 -17.11 -4.49 0.12
C ASN A 44 -16.73 -5.15 -1.20
N ARG A 45 -15.82 -6.12 -1.13
CA ARG A 45 -15.44 -6.91 -2.30
C ARG A 45 -16.65 -7.51 -3.00
N VAL A 46 -17.54 -8.12 -2.23
CA VAL A 46 -18.65 -8.87 -2.80
C VAL A 46 -19.64 -7.89 -3.44
N GLY A 47 -19.83 -8.02 -4.75
CA GLY A 47 -20.80 -7.22 -5.47
C GLY A 47 -20.29 -5.91 -6.03
N LEU A 48 -19.02 -5.59 -5.81
CA LEU A 48 -18.48 -4.32 -6.30
C LEU A 48 -18.32 -4.38 -7.82
N PRO A 49 -18.97 -3.51 -8.58
CA PRO A 49 -18.84 -3.56 -10.05
C PRO A 49 -17.39 -3.35 -10.48
N ILE A 50 -17.04 -3.99 -11.60
CA ILE A 50 -15.64 -4.07 -12.01
C ILE A 50 -15.07 -2.70 -12.36
N ASN A 51 -15.90 -1.77 -12.84
CA ASN A 51 -15.37 -0.46 -13.17
C ASN A 51 -15.13 0.42 -11.94
N GLN A 52 -15.47 -0.05 -10.74
CA GLN A 52 -15.13 0.66 -9.51
C GLN A 52 -14.01 0.00 -8.71
N ARG A 53 -13.40 -1.06 -9.25
CA ARG A 53 -12.58 -1.96 -8.44
C ARG A 53 -11.15 -1.46 -8.22
N PHE A 54 -10.60 -0.63 -9.11
CA PHE A 54 -9.18 -0.31 -9.06
C PHE A 54 -8.94 1.19 -9.18
N ILE A 55 -7.79 1.63 -8.67
CA ILE A 55 -7.24 2.95 -8.97
C ILE A 55 -5.78 2.76 -9.38
N LEU A 56 -5.23 3.77 -10.04
CA LEU A 56 -3.88 3.71 -10.61
C LEU A 56 -3.03 4.82 -10.03
N VAL A 57 -1.80 4.48 -9.65
CA VAL A 57 -0.83 5.44 -9.13
C VAL A 57 0.37 5.46 -10.07
N GLU A 58 0.67 6.62 -10.64
CA GLU A 58 1.70 6.79 -11.64
C GLU A 58 2.87 7.56 -11.05
N LEU A 59 4.05 6.95 -11.05
CA LEU A 59 5.23 7.47 -10.35
C LEU A 59 6.34 7.81 -11.34
N SER A 60 7.04 8.92 -11.09
CA SER A 60 8.23 9.27 -11.86
C SER A 60 9.30 9.82 -10.92
N ASN A 61 10.50 10.02 -11.47
CA ASN A 61 11.65 10.42 -10.65
C ASN A 61 12.51 11.41 -11.44
N HIS A 62 13.70 11.72 -10.91
CA HIS A 62 14.61 12.65 -11.55
C HIS A 62 14.99 12.22 -12.96
N ALA A 63 15.15 10.90 -13.18
CA ALA A 63 15.45 10.39 -14.51
C ALA A 63 14.22 10.36 -15.41
N GLU A 64 13.05 10.75 -14.90
CA GLU A 64 11.81 10.89 -15.67
C GLU A 64 11.34 9.55 -16.27
N LEU A 65 11.68 8.45 -15.62
CA LEU A 65 11.03 7.17 -15.91
C LEU A 65 9.67 7.14 -15.22
N SER A 66 8.75 6.34 -15.78
CA SER A 66 7.40 6.28 -15.25
C SER A 66 6.92 4.84 -15.18
N VAL A 67 6.38 4.45 -14.00
CA VAL A 67 5.66 3.21 -13.81
C VAL A 67 4.32 3.53 -13.17
N THR A 68 3.36 2.63 -13.34
CA THR A 68 2.00 2.82 -12.82
C THR A 68 1.59 1.61 -12.00
N LEU A 69 1.32 1.83 -10.71
CA LEU A 69 0.83 0.78 -9.82
C LEU A 69 -0.68 0.73 -9.87
N ALA A 70 -1.23 -0.49 -9.86
CA ALA A 70 -2.67 -0.70 -9.76
C ALA A 70 -3.02 -1.09 -8.33
N LEU A 71 -3.99 -0.39 -7.73
CA LEU A 71 -4.39 -0.60 -6.35
C LEU A 71 -5.83 -1.10 -6.30
N ASP A 72 -6.07 -2.12 -5.47
CA ASP A 72 -7.41 -2.61 -5.20
C ASP A 72 -8.09 -1.69 -4.20
N VAL A 73 -9.27 -1.16 -4.55
CA VAL A 73 -9.95 -0.25 -3.63
C VAL A 73 -10.51 -0.97 -2.42
N THR A 74 -10.64 -2.31 -2.47
CA THR A 74 -11.19 -3.02 -1.34
C THR A 74 -10.19 -3.19 -0.19
N ASN A 75 -8.88 -3.17 -0.49
CA ASN A 75 -7.90 -3.26 0.59
C ASN A 75 -6.72 -2.30 0.44
N ALA A 76 -6.75 -1.41 -0.57
CA ALA A 76 -5.71 -0.41 -0.80
C ALA A 76 -4.35 -1.02 -1.13
N TYR A 77 -4.30 -2.28 -1.52
CA TYR A 77 -3.04 -2.97 -1.78
C TYR A 77 -2.70 -2.97 -3.26
N VAL A 78 -1.40 -3.04 -3.55
CA VAL A 78 -0.90 -3.13 -4.92
C VAL A 78 -1.16 -4.53 -5.44
N VAL A 79 -1.86 -4.62 -6.57
CA VAL A 79 -2.08 -5.90 -7.23
C VAL A 79 -1.13 -6.12 -8.41
N GLY A 80 -0.50 -5.07 -8.93
CA GLY A 80 0.39 -5.20 -10.06
C GLY A 80 0.81 -3.83 -10.54
N TYR A 81 1.59 -3.83 -11.62
CA TYR A 81 2.05 -2.55 -12.15
C TYR A 81 2.36 -2.70 -13.63
N ARG A 82 2.42 -1.54 -14.29
CA ARG A 82 2.73 -1.44 -15.71
C ARG A 82 4.02 -0.66 -15.90
N ALA A 83 4.87 -1.16 -16.80
CA ALA A 83 6.07 -0.47 -17.22
C ALA A 83 6.21 -0.63 -18.72
N GLY A 84 6.29 0.48 -19.44
CA GLY A 84 6.40 0.41 -20.89
C GLY A 84 5.21 -0.33 -21.47
N ASN A 85 5.52 -1.35 -22.29
CA ASN A 85 4.50 -2.13 -22.97
C ASN A 85 4.20 -3.45 -22.26
N SER A 86 4.53 -3.54 -20.96
CA SER A 86 4.35 -4.78 -20.21
C SER A 86 3.62 -4.51 -18.90
N ALA A 87 2.82 -5.49 -18.47
CA ALA A 87 2.10 -5.45 -17.21
C ALA A 87 2.39 -6.71 -16.41
N TYR A 88 2.58 -6.56 -15.10
CA TYR A 88 2.99 -7.64 -14.21
C TYR A 88 2.06 -7.69 -13.02
N PHE A 89 1.60 -8.90 -12.66
CA PHE A 89 0.60 -9.06 -11.61
C PHE A 89 1.05 -10.09 -10.57
N PHE A 90 0.80 -9.77 -9.31
CA PHE A 90 0.94 -10.77 -8.24
C PHE A 90 -0.04 -11.91 -8.48
N HIS A 91 0.35 -13.11 -8.02
CA HIS A 91 -0.52 -14.26 -8.18
C HIS A 91 -1.83 -14.06 -7.42
N PRO A 92 -2.98 -14.23 -8.06
CA PRO A 92 -4.26 -14.02 -7.37
C PRO A 92 -4.65 -15.21 -6.50
N ASP A 93 -5.45 -14.91 -5.47
CA ASP A 93 -5.86 -15.90 -4.48
C ASP A 93 -6.95 -16.84 -5.00
N ASN A 94 -7.82 -16.35 -5.87
CA ASN A 94 -9.02 -17.08 -6.26
C ASN A 94 -9.40 -16.70 -7.68
N GLN A 95 -10.42 -17.39 -8.21
CA GLN A 95 -10.79 -17.20 -9.61
C GLN A 95 -11.38 -15.80 -9.85
N GLU A 96 -12.21 -15.31 -8.93
CA GLU A 96 -12.79 -13.98 -9.11
C GLU A 96 -11.70 -12.92 -9.22
N ASP A 97 -10.71 -12.96 -8.32
CA ASP A 97 -9.63 -11.98 -8.39
C ASP A 97 -8.78 -12.15 -9.64
N ALA A 98 -8.60 -13.38 -10.11
CA ALA A 98 -7.88 -13.60 -11.36
C ALA A 98 -8.64 -12.99 -12.53
N GLU A 99 -9.97 -13.09 -12.51
CA GLU A 99 -10.77 -12.50 -13.57
C GLU A 99 -10.76 -10.97 -13.49
N ALA A 100 -10.74 -10.42 -12.28
CA ALA A 100 -10.81 -8.98 -12.12
C ALA A 100 -9.61 -8.27 -12.75
N ILE A 101 -8.41 -8.84 -12.61
CA ILE A 101 -7.21 -8.16 -13.08
C ILE A 101 -7.06 -8.17 -14.60
N THR A 102 -7.84 -8.97 -15.32
CA THR A 102 -7.83 -8.89 -16.78
C THR A 102 -8.43 -7.59 -17.30
N HIS A 103 -9.05 -6.79 -16.44
CA HIS A 103 -9.54 -5.47 -16.81
C HIS A 103 -8.53 -4.37 -16.56
N LEU A 104 -7.31 -4.71 -16.15
CA LEU A 104 -6.26 -3.73 -15.92
C LEU A 104 -5.27 -3.71 -17.09
N PHE A 105 -4.84 -2.50 -17.47
CA PHE A 105 -3.81 -2.32 -18.50
C PHE A 105 -4.14 -3.09 -19.76
N THR A 106 -5.40 -3.05 -20.18
CA THR A 106 -5.87 -3.91 -21.25
C THR A 106 -5.21 -3.63 -22.60
N ASP A 107 -4.40 -2.57 -22.70
CA ASP A 107 -3.79 -2.17 -23.95
C ASP A 107 -2.30 -2.49 -24.04
N VAL A 108 -1.72 -3.18 -23.05
CA VAL A 108 -0.31 -3.57 -23.14
C VAL A 108 -0.19 -4.84 -23.98
N GLN A 109 0.92 -4.95 -24.70
CA GLN A 109 1.18 -6.14 -25.52
C GLN A 109 1.50 -7.37 -24.68
N ASN A 110 2.16 -7.20 -23.53
CA ASN A 110 2.72 -8.30 -22.76
C ASN A 110 2.16 -8.29 -21.35
N ARG A 111 1.54 -9.39 -20.94
CA ARG A 111 0.96 -9.56 -19.62
C ARG A 111 1.59 -10.77 -18.93
N TYR A 112 2.07 -10.58 -17.70
CA TYR A 112 2.69 -11.66 -16.94
C TYR A 112 2.08 -11.71 -15.54
N THR A 113 1.93 -12.92 -15.01
CA THR A 113 1.50 -13.18 -13.65
C THR A 113 2.63 -13.87 -12.90
N PHE A 114 3.17 -13.19 -11.88
CA PHE A 114 4.17 -13.81 -11.03
C PHE A 114 3.63 -15.08 -10.39
N ALA A 115 4.55 -15.98 -10.02
CA ALA A 115 4.16 -17.19 -9.30
C ALA A 115 3.83 -16.90 -7.83
N PHE A 116 4.28 -15.77 -7.31
CA PHE A 116 4.18 -15.43 -5.90
C PHE A 116 3.16 -14.32 -5.69
N GLY A 117 2.64 -14.25 -4.46
CA GLY A 117 1.77 -13.17 -4.05
C GLY A 117 2.57 -11.98 -3.54
N GLY A 118 1.84 -10.93 -3.16
CA GLY A 118 2.47 -9.69 -2.77
C GLY A 118 2.60 -9.47 -1.28
N ASN A 119 2.45 -10.51 -0.47
CA ASN A 119 2.55 -10.33 0.97
C ASN A 119 4.01 -10.16 1.39
N TYR A 120 4.21 -9.51 2.54
CA TYR A 120 5.55 -9.16 2.98
C TYR A 120 6.43 -10.38 3.20
N ASP A 121 5.88 -11.43 3.81
CA ASP A 121 6.67 -12.63 4.08
C ASP A 121 7.32 -13.16 2.81
N ARG A 122 6.56 -13.21 1.71
CA ARG A 122 7.11 -13.72 0.46
C ARG A 122 8.08 -12.71 -0.14
N LEU A 123 7.70 -11.42 -0.17
CA LEU A 123 8.55 -10.42 -0.80
C LEU A 123 9.87 -10.27 -0.05
N GLU A 124 9.84 -10.39 1.28
CA GLU A 124 11.08 -10.36 2.05
C GLU A 124 11.98 -11.52 1.66
N GLN A 125 11.39 -12.70 1.43
CA GLN A 125 12.19 -13.86 1.04
C GLN A 125 12.86 -13.63 -0.30
N LEU A 126 12.11 -13.10 -1.28
CA LEU A 126 12.69 -12.88 -2.60
C LEU A 126 13.75 -11.79 -2.57
N ALA A 127 13.50 -10.72 -1.81
CA ALA A 127 14.45 -9.62 -1.70
C ALA A 127 15.72 -10.02 -0.94
N GLY A 128 15.66 -11.02 -0.08
CA GLY A 128 16.78 -11.30 0.79
C GLY A 128 16.95 -10.30 1.91
N ASN A 129 15.91 -9.56 2.27
CA ASN A 129 15.99 -8.54 3.31
C ASN A 129 14.66 -8.45 4.03
N LEU A 130 14.72 -8.30 5.35
CA LEU A 130 13.52 -7.99 6.12
C LEU A 130 13.22 -6.49 6.03
N ARG A 131 11.95 -6.15 6.21
CA ARG A 131 11.54 -4.74 6.25
C ARG A 131 12.41 -3.95 7.22
N GLU A 132 12.79 -4.58 8.34
CA GLU A 132 13.63 -3.94 9.36
C GLU A 132 14.96 -3.43 8.81
N ASN A 133 15.39 -3.90 7.63
CA ASN A 133 16.69 -3.53 7.07
C ASN A 133 16.57 -2.93 5.67
N ILE A 134 15.40 -2.41 5.30
CA ILE A 134 15.19 -1.78 4.01
C ILE A 134 14.82 -0.33 4.25
N GLU A 135 15.69 0.58 3.80
CA GLU A 135 15.50 2.01 4.05
C GLU A 135 14.35 2.58 3.24
N LEU A 136 13.60 3.48 3.87
CA LEU A 136 12.52 4.21 3.23
C LEU A 136 12.85 5.69 3.20
N GLY A 137 12.29 6.39 2.23
CA GLY A 137 12.55 7.80 2.04
C GLY A 137 12.42 8.15 0.57
N ASN A 138 12.61 9.43 0.26
CA ASN A 138 12.52 9.86 -1.13
C ASN A 138 13.60 9.21 -1.98
N GLY A 139 14.83 9.17 -1.46
CA GLY A 139 15.93 8.51 -2.13
C GLY A 139 15.62 7.06 -2.49
N PRO A 140 15.27 6.24 -1.49
CA PRO A 140 14.87 4.85 -1.79
C PRO A 140 13.71 4.75 -2.78
N LEU A 141 12.73 5.66 -2.69
CA LEU A 141 11.59 5.60 -3.62
C LEU A 141 12.03 5.92 -5.04
N GLU A 142 12.87 6.94 -5.21
CA GLU A 142 13.43 7.24 -6.53
C GLU A 142 14.11 6.01 -7.12
N GLU A 143 14.97 5.35 -6.33
CA GLU A 143 15.64 4.15 -6.82
C GLU A 143 14.64 3.03 -7.12
N ALA A 144 13.60 2.91 -6.31
CA ALA A 144 12.60 1.87 -6.53
C ALA A 144 11.88 2.07 -7.87
N ILE A 145 11.64 3.33 -8.25
CA ILE A 145 10.92 3.60 -9.48
C ILE A 145 11.75 3.19 -10.69
N SER A 146 13.03 3.58 -10.73
CA SER A 146 13.91 3.14 -11.81
C SER A 146 13.99 1.62 -11.89
N ALA A 147 14.11 0.96 -10.74
CA ALA A 147 14.21 -0.50 -10.74
C ALA A 147 12.95 -1.15 -11.31
N LEU A 148 11.77 -0.65 -10.92
CA LEU A 148 10.53 -1.19 -11.46
C LEU A 148 10.46 -1.03 -12.98
N TYR A 149 10.85 0.14 -13.49
CA TYR A 149 10.83 0.32 -14.94
C TYR A 149 11.80 -0.64 -15.62
N TYR A 150 13.04 -0.71 -15.14
CA TYR A 150 14.04 -1.47 -15.86
C TYR A 150 13.85 -2.98 -15.75
N TYR A 151 12.87 -3.43 -14.95
CA TYR A 151 12.51 -4.85 -15.01
C TYR A 151 11.97 -5.22 -16.38
N SER A 152 11.26 -4.29 -17.05
CA SER A 152 10.68 -4.56 -18.35
C SER A 152 11.71 -4.58 -19.48
N THR A 153 12.95 -4.15 -19.21
CA THR A 153 14.01 -4.20 -20.21
C THR A 153 15.07 -5.25 -19.91
N GLY A 154 14.85 -6.07 -18.89
CA GLY A 154 15.85 -7.04 -18.48
C GLY A 154 16.95 -6.48 -17.62
N GLY A 155 16.89 -5.21 -17.23
CA GLY A 155 17.95 -4.60 -16.46
C GLY A 155 17.84 -4.77 -14.95
N THR A 156 16.72 -5.29 -14.45
CA THR A 156 16.48 -5.43 -13.02
C THR A 156 16.29 -6.90 -12.68
N GLN A 157 16.99 -7.36 -11.65
CA GLN A 157 16.84 -8.74 -11.21
C GLN A 157 15.78 -8.83 -10.11
N LEU A 158 15.20 -10.02 -9.98
CA LEU A 158 14.02 -10.19 -9.13
C LEU A 158 14.24 -9.81 -7.66
N PRO A 159 15.39 -10.09 -7.02
CA PRO A 159 15.55 -9.63 -5.63
C PRO A 159 15.42 -8.13 -5.47
N THR A 160 16.04 -7.36 -6.37
CA THR A 160 15.90 -5.90 -6.35
C THR A 160 14.47 -5.47 -6.68
N LEU A 161 13.79 -6.20 -7.55
CA LEU A 161 12.39 -5.90 -7.81
C LEU A 161 11.54 -6.10 -6.57
N ALA A 162 11.82 -7.18 -5.81
CA ALA A 162 11.09 -7.45 -4.58
C ALA A 162 11.30 -6.33 -3.55
N ARG A 163 12.55 -5.92 -3.37
N ARG A 163 12.56 -5.94 -3.34
CA ARG A 163 12.84 -4.84 -2.43
CA ARG A 163 12.84 -4.83 -2.44
C ARG A 163 12.16 -3.54 -2.86
C ARG A 163 12.08 -3.57 -2.86
N SER A 164 12.02 -3.32 -4.17
CA SER A 164 11.36 -2.12 -4.66
C SER A 164 9.85 -2.17 -4.40
N PHE A 165 9.24 -3.35 -4.52
CA PHE A 165 7.85 -3.50 -4.12
C PHE A 165 7.66 -3.14 -2.66
N ILE A 166 8.58 -3.61 -1.81
CA ILE A 166 8.47 -3.39 -0.36
C ILE A 166 8.53 -1.90 -0.06
N ILE A 167 9.36 -1.16 -0.79
CA ILE A 167 9.46 0.29 -0.59
C ILE A 167 8.18 0.97 -1.05
N CYS A 168 7.70 0.64 -2.24
CA CYS A 168 6.51 1.30 -2.78
C CYS A 168 5.27 0.99 -1.95
N ILE A 169 5.05 -0.30 -1.65
CA ILE A 169 3.88 -0.70 -0.87
C ILE A 169 3.81 0.07 0.44
N GLN A 170 4.94 0.21 1.13
CA GLN A 170 4.91 0.87 2.44
C GLN A 170 4.68 2.37 2.30
N MET A 171 5.35 3.01 1.35
CA MET A 171 5.29 4.46 1.21
C MET A 171 4.00 4.96 0.57
N ILE A 172 3.18 4.06 0.01
CA ILE A 172 1.96 4.47 -0.65
C ILE A 172 0.76 3.76 -0.03
N SER A 173 0.72 2.42 -0.14
CA SER A 173 -0.41 1.68 0.41
C SER A 173 -0.52 1.84 1.92
N GLU A 174 0.58 1.61 2.64
CA GLU A 174 0.53 1.68 4.11
C GLU A 174 0.41 3.12 4.59
N ALA A 175 1.03 4.07 3.89
CA ALA A 175 0.88 5.47 4.26
C ALA A 175 -0.55 5.94 4.07
N ALA A 176 -1.26 5.39 3.07
CA ALA A 176 -2.67 5.71 2.91
C ALA A 176 -3.52 5.06 3.99
N ARG A 177 -3.16 3.84 4.40
CA ARG A 177 -3.95 3.13 5.42
C ARG A 177 -3.80 3.74 6.80
N PHE A 178 -2.63 4.30 7.12
CA PHE A 178 -2.30 4.74 8.46
C PHE A 178 -1.81 6.18 8.41
N GLN A 179 -2.51 7.09 9.11
CA GLN A 179 -1.93 8.41 9.33
C GLN A 179 -0.60 8.32 10.06
N TYR A 180 -0.45 7.33 10.94
CA TYR A 180 0.80 7.17 11.68
C TYR A 180 1.98 6.90 10.75
N ILE A 181 1.79 6.04 9.76
CA ILE A 181 2.89 5.72 8.86
C ILE A 181 3.15 6.88 7.89
N GLU A 182 2.11 7.64 7.53
CA GLU A 182 2.32 8.86 6.75
C GLU A 182 3.24 9.83 7.48
N GLY A 183 3.03 10.01 8.78
CA GLY A 183 3.91 10.88 9.56
C GLY A 183 5.34 10.38 9.60
N GLU A 184 5.53 9.06 9.71
CA GLU A 184 6.87 8.49 9.68
C GLU A 184 7.59 8.82 8.38
N MET A 185 6.88 8.73 7.26
CA MET A 185 7.46 9.12 5.98
C MET A 185 7.68 10.63 5.89
N ARG A 186 6.73 11.41 6.40
CA ARG A 186 6.85 12.86 6.35
C ARG A 186 8.11 13.35 7.05
N THR A 187 8.44 12.73 8.19
CA THR A 187 9.65 13.10 8.93
C THR A 187 10.90 12.80 8.11
N ARG A 188 10.93 11.67 7.41
CA ARG A 188 12.08 11.34 6.57
C ARG A 188 12.27 12.36 5.47
N ILE A 189 11.18 12.73 4.79
CA ILE A 189 11.28 13.73 3.72
C ILE A 189 11.71 15.07 4.27
N ARG A 190 11.22 15.43 5.45
CA ARG A 190 11.50 16.76 6.02
C ARG A 190 12.99 16.97 6.26
N TYR A 191 13.67 15.96 6.81
CA TYR A 191 15.08 16.10 7.14
C TYR A 191 15.99 15.41 6.12
N ASN A 192 15.45 15.03 4.97
CA ASN A 192 16.19 14.42 3.88
C ASN A 192 16.96 13.20 4.37
N ARG A 193 16.22 12.28 4.99
CA ARG A 193 16.81 11.08 5.56
C ARG A 193 16.23 9.84 4.87
N ARG A 194 16.98 8.74 4.97
CA ARG A 194 16.52 7.43 4.54
C ARG A 194 16.84 6.46 5.67
N SER A 195 15.84 5.72 6.14
CA SER A 195 16.05 4.82 7.25
C SER A 195 14.98 3.74 7.24
N ALA A 196 15.35 2.57 7.75
CA ALA A 196 14.42 1.45 7.83
C ALA A 196 13.35 1.74 8.90
N PRO A 197 12.17 1.15 8.77
CA PRO A 197 11.09 1.43 9.72
C PRO A 197 11.32 0.75 11.06
N ASP A 198 10.83 1.41 12.11
CA ASP A 198 10.96 0.91 13.47
C ASP A 198 9.87 -0.12 13.75
N PRO A 199 9.94 -0.81 14.90
CA PRO A 199 8.97 -1.91 15.15
C PRO A 199 7.51 -1.46 15.23
N SER A 200 7.22 -0.20 15.57
CA SER A 200 5.82 0.23 15.61
C SER A 200 5.20 0.20 14.23
N VAL A 201 5.97 0.60 13.21
CA VAL A 201 5.46 0.61 11.84
C VAL A 201 5.21 -0.82 11.35
N ILE A 202 6.18 -1.72 11.58
CA ILE A 202 6.06 -3.09 11.09
C ILE A 202 4.88 -3.79 11.75
N THR A 203 4.69 -3.59 13.06
CA THR A 203 3.60 -4.26 13.76
C THR A 203 2.24 -3.70 13.33
N LEU A 204 2.15 -2.39 13.08
CA LEU A 204 0.93 -1.82 12.53
C LEU A 204 0.59 -2.45 11.18
N GLU A 205 1.57 -2.55 10.29
CA GLU A 205 1.37 -3.20 8.99
C GLU A 205 0.87 -4.63 9.15
N ASN A 206 1.51 -5.41 10.03
CA ASN A 206 1.11 -6.79 10.24
C ASN A 206 -0.27 -6.91 10.88
N SER A 207 -0.79 -5.84 11.48
CA SER A 207 -2.02 -5.91 12.26
C SER A 207 -3.23 -5.31 11.56
N TRP A 208 -3.05 -4.76 10.34
CA TRP A 208 -4.13 -4.01 9.71
C TRP A 208 -5.40 -4.85 9.56
N GLY A 209 -5.26 -6.10 9.13
CA GLY A 209 -6.43 -6.96 9.01
C GLY A 209 -7.08 -7.25 10.34
N ARG A 210 -6.28 -7.54 11.37
CA ARG A 210 -6.84 -7.83 12.69
C ARG A 210 -7.50 -6.61 13.29
N LEU A 211 -6.90 -5.43 13.11
CA LEU A 211 -7.49 -4.21 13.65
C LEU A 211 -8.81 -3.88 12.94
N SER A 212 -8.87 -4.14 11.62
CA SER A 212 -10.12 -3.93 10.89
C SER A 212 -11.22 -4.83 11.44
N THR A 213 -10.88 -6.05 11.85
CA THR A 213 -11.87 -6.96 12.39
C THR A 213 -12.31 -6.55 13.79
N ALA A 214 -11.36 -6.20 14.66
CA ALA A 214 -11.70 -5.82 16.02
C ALA A 214 -12.56 -4.57 16.06
N ILE A 215 -12.27 -3.61 15.18
CA ILE A 215 -13.01 -2.35 15.18
C ILE A 215 -14.43 -2.56 14.70
N GLN A 216 -14.61 -3.27 13.58
CA GLN A 216 -15.94 -3.45 13.02
C GLN A 216 -16.77 -4.48 13.76
N GLU A 217 -16.16 -5.31 14.61
CA GLU A 217 -16.88 -6.23 15.46
C GLU A 217 -17.03 -5.71 16.88
N SER A 218 -16.67 -4.46 17.13
CA SER A 218 -16.72 -3.92 18.48
C SER A 218 -18.16 -3.64 18.90
N ASN A 219 -18.34 -3.56 20.22
CA ASN A 219 -19.63 -3.27 20.83
C ASN A 219 -19.47 -1.99 21.64
N GLN A 220 -20.16 -0.92 21.22
CA GLN A 220 -20.04 0.41 21.83
C GLN A 220 -18.60 0.90 21.82
N GLY A 221 -17.84 0.54 20.78
CA GLY A 221 -16.47 0.92 20.67
C GLY A 221 -15.48 0.03 21.39
N ALA A 222 -15.95 -0.94 22.18
CA ALA A 222 -15.06 -1.80 22.96
C ALA A 222 -14.76 -3.09 22.20
N PHE A 223 -13.47 -3.43 22.12
CA PHE A 223 -13.05 -4.67 21.48
C PHE A 223 -13.55 -5.88 22.28
N ALA A 224 -13.84 -6.96 21.54
CA ALA A 224 -14.19 -8.21 22.21
C ALA A 224 -12.98 -8.84 22.89
N SER A 225 -11.77 -8.55 22.40
CA SER A 225 -10.54 -8.96 23.06
C SER A 225 -9.43 -8.06 22.55
N PRO A 226 -8.35 -7.90 23.32
CA PRO A 226 -7.36 -6.87 22.99
C PRO A 226 -6.52 -7.25 21.78
N ILE A 227 -5.98 -6.20 21.14
CA ILE A 227 -4.94 -6.33 20.13
C ILE A 227 -3.68 -5.67 20.67
N GLN A 228 -2.54 -6.34 20.49
CA GLN A 228 -1.27 -5.88 21.02
C GLN A 228 -0.47 -5.19 19.92
N LEU A 229 0.10 -4.02 20.24
CA LEU A 229 0.91 -3.24 19.31
C LEU A 229 2.25 -2.91 19.97
N GLN A 230 3.12 -2.25 19.21
CA GLN A 230 4.44 -1.87 19.71
C GLN A 230 4.65 -0.36 19.59
N ARG A 231 5.37 0.20 20.57
CA ARG A 231 5.91 1.54 20.48
C ARG A 231 7.16 1.54 19.61
N ARG A 232 7.67 2.74 19.32
CA ARG A 232 8.86 2.83 18.47
C ARG A 232 10.10 2.21 19.11
N ASN A 233 10.16 2.13 20.44
CA ASN A 233 11.28 1.48 21.09
C ASN A 233 11.09 -0.02 21.25
N GLY A 234 10.10 -0.61 20.57
CA GLY A 234 9.86 -2.03 20.65
C GLY A 234 8.99 -2.48 21.80
N SER A 235 8.77 -1.64 22.81
CA SER A 235 7.93 -2.03 23.93
C SER A 235 6.49 -2.23 23.48
N LYS A 236 5.77 -3.08 24.20
CA LYS A 236 4.45 -3.54 23.80
C LYS A 236 3.37 -2.96 24.70
N PHE A 237 2.16 -2.84 24.14
CA PHE A 237 1.00 -2.35 24.87
C PHE A 237 -0.25 -2.88 24.17
N SER A 238 -1.37 -2.84 24.89
CA SER A 238 -2.63 -3.36 24.41
C SER A 238 -3.60 -2.24 24.10
N VAL A 239 -4.37 -2.39 23.02
CA VAL A 239 -5.46 -1.49 22.69
C VAL A 239 -6.77 -2.24 22.89
N TYR A 240 -7.77 -1.53 23.43
CA TYR A 240 -9.02 -2.13 23.87
C TYR A 240 -10.25 -1.52 23.21
N ASP A 241 -10.10 -0.45 22.44
CA ASP A 241 -11.24 0.33 21.97
C ASP A 241 -10.89 1.00 20.65
N VAL A 242 -11.94 1.50 19.98
CA VAL A 242 -11.76 2.11 18.67
C VAL A 242 -11.11 3.50 18.77
N SER A 243 -11.54 4.30 19.75
CA SER A 243 -11.28 5.73 19.72
C SER A 243 -9.79 6.07 19.67
N ILE A 244 -8.96 5.34 20.42
CA ILE A 244 -7.54 5.67 20.47
C ILE A 244 -6.86 5.48 19.13
N LEU A 245 -7.48 4.73 18.20
CA LEU A 245 -6.91 4.48 16.89
C LEU A 245 -7.46 5.41 15.81
N ILE A 246 -8.44 6.25 16.14
CA ILE A 246 -8.96 7.22 15.15
C ILE A 246 -7.85 8.09 14.59
N PRO A 247 -6.86 8.57 15.36
CA PRO A 247 -5.76 9.32 14.74
C PRO A 247 -4.72 8.46 14.05
N ILE A 248 -4.81 7.14 14.13
CA ILE A 248 -3.73 6.25 13.74
C ILE A 248 -4.02 5.54 12.42
N ILE A 249 -5.24 5.04 12.25
CA ILE A 249 -5.61 4.23 11.09
C ILE A 249 -6.70 4.97 10.30
N ALA A 250 -6.49 5.11 9.00
CA ALA A 250 -7.35 5.94 8.15
C ALA A 250 -8.32 5.14 7.29
N LEU A 251 -8.06 3.86 7.07
CA LEU A 251 -8.85 3.04 6.15
C LEU A 251 -8.93 1.63 6.70
N MET A 252 -10.06 0.95 6.46
CA MET A 252 -10.24 -0.44 6.86
C MET A 252 -10.87 -1.28 5.76
N VAL A 253 -10.41 -2.53 5.66
CA VAL A 253 -11.04 -3.50 4.78
C VAL A 253 -12.38 -3.92 5.37
N TYR A 254 -13.36 -4.14 4.50
CA TYR A 254 -14.70 -4.47 4.98
C TYR A 254 -14.70 -5.75 5.80
N ARG A 255 -15.42 -5.70 6.92
CA ARG A 255 -15.59 -6.86 7.80
C ARG A 255 -17.04 -6.94 8.21
N CYS A 256 -17.56 -8.16 8.31
CA CYS A 256 -18.94 -8.38 8.71
C CYS A 256 -19.14 -8.06 10.18
N ALA A 257 -20.34 -7.58 10.51
CA ALA A 257 -20.67 -7.13 11.86
C ALA A 257 -21.86 -7.92 12.39
N PRO A 258 -21.73 -8.61 13.54
CA PRO A 258 -22.77 -9.48 14.09
C PRO A 258 -23.85 -8.72 14.85
CL CL B . -1.18 17.79 9.25
CL CL C . 6.09 -18.90 -5.12
CL CL D . -3.92 -10.88 -16.54
C13 U4T E . -0.51 4.77 20.77
C15 U4T E . -2.47 3.92 19.69
C01 U4T E . -0.31 3.70 18.62
C02 U4T E . 0.50 3.18 17.40
C03 U4T E . 2.05 3.17 17.59
C04 U4T E . 2.54 4.04 18.79
C05 U4T E . 3.93 4.36 19.00
C06 U4T E . 4.14 5.14 20.15
C07 U4T E . 5.50 5.64 20.65
C11 U4T E . 1.66 4.57 19.75
C12 U4T E . 0.29 4.34 19.68
C14 U4T E . -1.88 4.57 20.76
C16 U4T E . -1.69 3.48 18.62
O08 U4T E . 5.55 6.42 21.63
O09 U4T E . 6.55 5.26 20.07
S10 U4T E . 2.63 5.43 20.86
C1 EDO F . 5.62 8.81 14.49
O1 EDO F . 6.69 8.82 13.54
C2 EDO F . 4.30 9.01 13.74
O2 EDO F . 4.39 10.17 12.90
C1 EDO G . -0.08 4.07 24.65
O1 EDO G . 0.92 4.59 25.52
C2 EDO G . -1.12 3.32 25.47
O2 EDO G . -0.54 2.88 26.71
O1 2PE H . 17.77 -13.08 5.52
C2 2PE H . 16.91 -11.95 5.45
C3 2PE H . 15.69 -12.23 4.64
O4 2PE H . 14.79 -13.03 5.40
C5 2PE H . 13.61 -13.37 4.66
C6 2PE H . 12.78 -14.33 5.44
O7 2PE H . 13.43 -15.59 5.55
#